data_7KC6
#
_entry.id   7KC6
#
_cell.length_a   66.889
_cell.length_b   46.078
_cell.length_c   127.233
_cell.angle_alpha   90.000
_cell.angle_beta   104.606
_cell.angle_gamma   90.000
#
_symmetry.space_group_name_H-M   'I 1 2 1'
#
loop_
_entity.id
_entity.type
_entity.pdbx_description
1 polymer 'Integrin alpha-L'
2 non-polymer LOVASTATIN
3 non-polymer 'MAGNESIUM ION'
4 water water
#
_entity_poly.entity_id   1
_entity_poly.type   'polypeptide(L)'
_entity_poly.pdbx_seq_one_letter_code
;GSGNVDLVFLFDGSMSLQPDEFQKILDFMKDVMKKLSNTSYQFAAVQFSTSYKTEFDFSDYVKRKDPDALLKHVKHMLLL
TNTFGAINYVATEVFREELGARPDATKVLIIITDGEATDSGNIDAAKDIIRYIIGIGKHFQTKESQETLHKFASKPASEF
VKILDTFEKLKDLFTELQKKIYVI
;
_entity_poly.pdbx_strand_id   C,A
#
# COMPACT_ATOMS: atom_id res chain seq x y z
N GLY A 1 -12.17 -16.07 -23.98
CA GLY A 1 -13.54 -15.68 -23.65
C GLY A 1 -13.93 -14.33 -24.21
N SER A 2 -13.81 -13.29 -23.39
CA SER A 2 -14.13 -11.94 -23.85
C SER A 2 -13.12 -11.42 -24.86
N GLY A 3 -11.90 -11.98 -24.90
CA GLY A 3 -10.86 -11.49 -25.78
C GLY A 3 -10.24 -10.18 -25.34
N ASN A 4 -10.50 -9.76 -24.12
CA ASN A 4 -10.02 -8.48 -23.60
C ASN A 4 -8.87 -8.74 -22.65
N VAL A 5 -7.88 -7.85 -22.67
CA VAL A 5 -6.73 -7.93 -21.79
C VAL A 5 -6.60 -6.62 -21.03
N ASP A 6 -6.66 -6.72 -19.72
CA ASP A 6 -6.37 -5.62 -18.82
C ASP A 6 -4.95 -5.83 -18.29
N LEU A 7 -4.06 -4.92 -18.62
CA LEU A 7 -2.64 -5.10 -18.36
C LEU A 7 -2.13 -3.98 -17.46
N VAL A 8 -1.42 -4.35 -16.39
CA VAL A 8 -0.83 -3.39 -15.47
C VAL A 8 0.69 -3.46 -15.56
N PHE A 9 1.32 -2.31 -15.75
CA PHE A 9 2.76 -2.20 -15.55
C PHE A 9 3.01 -1.85 -14.08
N LEU A 10 3.77 -2.70 -13.39
CA LEU A 10 4.22 -2.50 -12.01
C LEU A 10 5.73 -2.25 -12.06
N PHE A 11 6.15 -1.00 -11.93
CA PHE A 11 7.56 -0.68 -12.14
C PHE A 11 8.26 -0.07 -10.92
N ASP A 12 9.54 -0.45 -10.82
CA ASP A 12 10.47 -0.16 -9.73
C ASP A 12 10.93 1.30 -9.80
N GLY A 13 10.74 2.02 -8.70
CA GLY A 13 11.24 3.39 -8.55
C GLY A 13 12.19 3.50 -7.35
N SER A 14 12.91 2.41 -7.07
CA SER A 14 13.81 2.37 -5.93
C SER A 14 15.05 3.27 -6.16
N MET A 15 15.82 3.42 -5.07
N MET A 15 15.82 3.42 -5.08
CA MET A 15 17.01 4.25 -5.10
CA MET A 15 16.99 4.28 -5.10
C MET A 15 18.06 3.72 -6.05
C MET A 15 18.11 3.71 -5.96
N SER A 16 18.06 2.41 -6.33
CA SER A 16 19.09 1.82 -7.17
C SER A 16 19.12 2.41 -8.57
N LEU A 17 18.01 2.97 -9.03
CA LEU A 17 17.89 3.33 -10.44
C LEU A 17 18.43 4.73 -10.63
N GLN A 18 19.29 4.87 -11.62
CA GLN A 18 19.78 6.16 -12.04
C GLN A 18 18.74 6.83 -12.91
N PRO A 19 18.80 8.16 -13.04
CA PRO A 19 17.77 8.88 -13.81
C PRO A 19 17.58 8.33 -15.22
N ASP A 20 18.68 8.10 -15.94
CA ASP A 20 18.51 7.62 -17.31
C ASP A 20 17.98 6.20 -17.33
N GLU A 21 18.26 5.41 -16.29
CA GLU A 21 17.74 4.05 -16.30
C GLU A 21 16.25 4.04 -16.05
N PHE A 22 15.79 4.91 -15.13
CA PHE A 22 14.36 5.07 -14.85
C PHE A 22 13.60 5.55 -16.08
N GLN A 23 14.19 6.47 -16.84
CA GLN A 23 13.55 6.91 -18.08
C GLN A 23 13.40 5.76 -19.07
N LYS A 24 14.36 4.85 -19.14
CA LYS A 24 14.28 3.78 -20.13
C LYS A 24 13.15 2.79 -19.80
N ILE A 25 12.87 2.61 -18.53
CA ILE A 25 11.68 1.86 -18.14
C ILE A 25 10.43 2.57 -18.64
N LEU A 26 10.36 3.89 -18.43
CA LEU A 26 9.20 4.65 -18.88
C LEU A 26 9.07 4.62 -20.40
N ASP A 27 10.19 4.79 -21.11
CA ASP A 27 10.18 4.73 -22.58
C ASP A 27 9.71 3.36 -23.08
N PHE A 28 10.14 2.27 -22.43
CA PHE A 28 9.70 0.94 -22.81
C PHE A 28 8.19 0.78 -22.66
N MET A 29 7.63 1.21 -21.53
CA MET A 29 6.19 1.15 -21.33
C MET A 29 5.45 1.94 -22.40
N LYS A 30 5.97 3.13 -22.73
CA LYS A 30 5.34 3.96 -23.74
C LYS A 30 5.40 3.30 -25.12
N ASP A 31 6.51 2.64 -25.45
CA ASP A 31 6.59 1.94 -26.72
C ASP A 31 5.54 0.85 -26.82
N VAL A 32 5.37 0.07 -25.76
CA VAL A 32 4.38 -1.00 -25.79
C VAL A 32 2.99 -0.40 -25.96
N MET A 33 2.66 0.65 -25.20
CA MET A 33 1.31 1.20 -25.31
C MET A 33 1.06 1.77 -26.69
N LYS A 34 2.04 2.49 -27.24
CA LYS A 34 1.83 3.12 -28.53
C LYS A 34 1.59 2.06 -29.59
N LYS A 35 2.38 0.97 -29.56
CA LYS A 35 2.22 -0.08 -30.56
C LYS A 35 0.85 -0.73 -30.45
N LEU A 36 0.32 -0.84 -29.23
CA LEU A 36 -0.99 -1.47 -29.02
C LEU A 36 -2.12 -0.47 -28.79
N SER A 37 -1.95 0.79 -29.20
CA SER A 37 -3.07 1.71 -29.20
C SER A 37 -4.22 1.17 -30.08
N ASN A 38 -5.44 1.57 -29.72
CA ASN A 38 -6.64 1.28 -30.50
C ASN A 38 -6.94 -0.20 -30.60
N THR A 39 -6.41 -1.01 -29.69
CA THR A 39 -6.67 -2.45 -29.68
C THR A 39 -7.66 -2.76 -28.54
N SER A 40 -7.86 -4.03 -28.26
N SER A 40 -7.85 -4.04 -28.28
CA SER A 40 -8.67 -4.39 -27.11
CA SER A 40 -8.65 -4.49 -27.14
C SER A 40 -7.92 -4.31 -25.78
C SER A 40 -7.86 -4.54 -25.84
N TYR A 41 -6.61 -4.05 -25.80
CA TYR A 41 -5.85 -3.95 -24.56
C TYR A 41 -6.20 -2.65 -23.88
N GLN A 42 -6.26 -2.65 -22.55
N GLN A 42 -6.25 -2.70 -22.55
CA GLN A 42 -6.31 -1.42 -21.79
CA GLN A 42 -6.40 -1.57 -21.65
C GLN A 42 -5.27 -1.50 -20.69
C GLN A 42 -5.18 -1.54 -20.75
N PHE A 43 -4.68 -0.34 -20.38
CA PHE A 43 -3.50 -0.27 -19.55
C PHE A 43 -3.69 0.53 -18.26
N ALA A 44 -2.93 0.14 -17.25
CA ALA A 44 -2.73 0.93 -16.04
C ALA A 44 -1.26 0.81 -15.64
N ALA A 45 -0.73 1.82 -14.94
CA ALA A 45 0.66 1.78 -14.45
C ALA A 45 0.77 2.20 -12.99
N VAL A 46 1.62 1.47 -12.26
CA VAL A 46 1.81 1.60 -10.81
C VAL A 46 3.31 1.62 -10.52
N GLN A 47 3.76 2.65 -9.82
CA GLN A 47 5.15 2.71 -9.40
C GLN A 47 5.20 2.19 -7.99
N PHE A 48 6.21 1.38 -7.71
CA PHE A 48 6.43 0.91 -6.35
C PHE A 48 7.84 1.17 -5.90
N SER A 49 7.96 1.44 -4.59
CA SER A 49 9.25 1.52 -3.93
C SER A 49 9.04 1.02 -2.51
N THR A 50 9.02 1.93 -1.53
CA THR A 50 8.57 1.54 -0.20
C THR A 50 7.05 1.41 -0.15
N SER A 51 6.35 2.35 -0.78
CA SER A 51 4.92 2.30 -0.96
C SER A 51 4.63 2.40 -2.47
N TYR A 52 3.36 2.63 -2.81
CA TYR A 52 2.86 2.38 -4.16
C TYR A 52 2.09 3.59 -4.60
N LYS A 53 2.12 3.89 -5.90
CA LYS A 53 1.34 4.98 -6.45
C LYS A 53 0.81 4.55 -7.81
N THR A 54 -0.50 4.67 -7.97
CA THR A 54 -1.15 4.42 -9.26
C THR A 54 -0.96 5.66 -10.13
N GLU A 55 -0.10 5.56 -11.14
CA GLU A 55 0.20 6.73 -11.96
C GLU A 55 -0.93 7.01 -12.92
N PHE A 56 -1.54 5.97 -13.48
CA PHE A 56 -2.86 6.11 -14.11
C PHE A 56 -3.57 4.77 -14.04
N ASP A 57 -4.90 4.85 -13.87
N ASP A 57 -4.90 4.82 -13.87
CA ASP A 57 -5.83 3.74 -13.79
CA ASP A 57 -5.69 3.60 -13.84
C ASP A 57 -6.34 3.37 -15.19
C ASP A 57 -6.35 3.38 -15.19
N PHE A 58 -7.10 2.28 -15.29
CA PHE A 58 -7.65 1.93 -16.58
C PHE A 58 -8.60 3.00 -17.09
N SER A 59 -9.38 3.63 -16.20
CA SER A 59 -10.30 4.65 -16.67
C SER A 59 -9.57 5.89 -17.24
N ASP A 60 -8.45 6.28 -16.61
CA ASP A 60 -7.66 7.39 -17.15
C ASP A 60 -7.14 7.08 -18.56
N TYR A 61 -6.68 5.85 -18.77
CA TYR A 61 -6.18 5.46 -20.09
C TYR A 61 -7.27 5.61 -21.15
N VAL A 62 -8.45 5.06 -20.86
CA VAL A 62 -9.56 5.09 -21.81
C VAL A 62 -9.96 6.53 -22.15
N LYS A 63 -9.85 7.45 -21.19
CA LYS A 63 -10.26 8.83 -21.40
C LYS A 63 -9.23 9.64 -22.16
N ARG A 64 -7.95 9.51 -21.80
CA ARG A 64 -6.87 10.31 -22.36
C ARG A 64 -6.09 9.59 -23.45
N LYS A 65 -5.86 8.27 -23.30
CA LYS A 65 -5.22 7.39 -24.28
C LYS A 65 -3.75 7.70 -24.64
N ASP A 66 -3.34 8.96 -24.63
CA ASP A 66 -1.97 9.33 -25.00
C ASP A 66 -0.92 8.87 -23.99
N PRO A 67 -0.10 7.85 -24.31
CA PRO A 67 0.90 7.38 -23.34
C PRO A 67 1.87 8.44 -22.93
N ASP A 68 2.23 9.34 -23.85
CA ASP A 68 3.17 10.40 -23.48
C ASP A 68 2.62 11.28 -22.37
N ALA A 69 1.40 11.79 -22.55
CA ALA A 69 0.78 12.61 -21.52
C ALA A 69 0.56 11.81 -20.24
N LEU A 70 0.13 10.55 -20.35
CA LEU A 70 -0.20 9.79 -19.15
C LEU A 70 1.00 9.53 -18.23
N LEU A 71 2.21 9.40 -18.77
CA LEU A 71 3.39 9.14 -17.93
C LEU A 71 4.30 10.36 -17.81
N LYS A 72 3.81 11.54 -18.21
CA LYS A 72 4.64 12.73 -18.28
C LYS A 72 5.05 13.22 -16.90
N HIS A 73 4.25 12.94 -15.87
CA HIS A 73 4.40 13.60 -14.57
C HIS A 73 4.77 12.61 -13.48
N VAL A 74 5.58 11.62 -13.85
CA VAL A 74 6.00 10.60 -12.90
C VAL A 74 7.22 11.10 -12.13
N LYS A 75 7.13 11.04 -10.79
CA LYS A 75 8.24 11.39 -9.91
C LYS A 75 8.87 10.09 -9.42
N HIS A 76 10.18 9.95 -9.62
CA HIS A 76 10.97 8.83 -9.11
C HIS A 76 10.97 8.85 -7.56
N MET A 77 10.54 7.74 -6.95
CA MET A 77 10.35 7.69 -5.50
C MET A 77 11.68 7.58 -4.75
N LEU A 78 12.60 6.74 -5.24
CA LEU A 78 13.97 6.61 -4.69
C LEU A 78 14.00 6.07 -3.25
N LEU A 79 13.18 5.06 -2.97
CA LEU A 79 13.26 4.40 -1.66
C LEU A 79 13.55 2.92 -1.88
N LEU A 80 12.89 2.00 -1.14
CA LEU A 80 13.21 0.57 -1.16
C LEU A 80 12.45 -0.12 -2.29
N THR A 81 12.27 -1.46 -2.18
CA THR A 81 11.78 -2.35 -3.24
C THR A 81 10.80 -3.38 -2.64
N ASN A 82 9.63 -2.91 -2.18
CA ASN A 82 8.68 -3.82 -1.50
C ASN A 82 7.71 -4.48 -2.49
N THR A 83 8.24 -5.52 -3.13
CA THR A 83 7.58 -6.11 -4.29
C THR A 83 6.39 -6.98 -3.90
N PHE A 84 6.49 -7.71 -2.78
CA PHE A 84 5.33 -8.45 -2.30
C PHE A 84 4.15 -7.52 -2.04
N GLY A 85 4.43 -6.38 -1.39
CA GLY A 85 3.37 -5.48 -1.03
C GLY A 85 2.78 -4.84 -2.26
N ALA A 86 3.64 -4.56 -3.25
CA ALA A 86 3.22 -3.92 -4.49
C ALA A 86 2.27 -4.79 -5.28
N ILE A 87 2.54 -6.10 -5.31
CA ILE A 87 1.69 -7.02 -6.08
C ILE A 87 0.33 -7.13 -5.43
N ASN A 88 0.29 -7.23 -4.09
CA ASN A 88 -0.99 -7.26 -3.41
C ASN A 88 -1.76 -5.96 -3.61
N TYR A 89 -1.06 -4.82 -3.61
CA TYR A 89 -1.73 -3.55 -3.89
C TYR A 89 -2.38 -3.58 -5.28
N VAL A 90 -1.67 -4.09 -6.30
CA VAL A 90 -2.25 -4.12 -7.65
C VAL A 90 -3.51 -4.99 -7.66
N ALA A 91 -3.43 -6.17 -7.05
CA ALA A 91 -4.54 -7.12 -7.09
C ALA A 91 -5.80 -6.62 -6.37
N THR A 92 -5.65 -5.83 -5.32
CA THR A 92 -6.82 -5.39 -4.56
C THR A 92 -7.20 -3.93 -4.82
N GLU A 93 -6.26 -3.08 -5.27
CA GLU A 93 -6.52 -1.65 -5.42
C GLU A 93 -6.48 -1.15 -6.86
N VAL A 94 -6.10 -1.96 -7.84
CA VAL A 94 -6.01 -1.48 -9.20
C VAL A 94 -6.96 -2.23 -10.13
N PHE A 95 -7.04 -3.56 -10.00
CA PHE A 95 -7.95 -4.39 -10.75
C PHE A 95 -9.32 -4.32 -10.10
N ARG A 96 -10.01 -3.20 -10.34
CA ARG A 96 -11.31 -2.95 -9.74
C ARG A 96 -12.24 -2.34 -10.79
N GLU A 97 -13.48 -2.84 -10.84
CA GLU A 97 -14.47 -2.33 -11.80
C GLU A 97 -14.72 -0.83 -11.66
N GLU A 98 -14.66 -0.32 -10.43
N GLU A 98 -14.67 -0.30 -10.44
CA GLU A 98 -14.83 1.10 -10.16
CA GLU A 98 -14.90 1.12 -10.26
C GLU A 98 -13.76 1.93 -10.84
C GLU A 98 -13.74 1.96 -10.80
N LEU A 99 -12.57 1.35 -11.07
CA LEU A 99 -11.45 2.05 -11.68
C LEU A 99 -11.27 1.69 -13.14
N GLY A 100 -12.27 1.05 -13.74
CA GLY A 100 -12.28 0.78 -15.15
C GLY A 100 -11.83 -0.60 -15.56
N ALA A 101 -11.50 -1.48 -14.61
CA ALA A 101 -11.22 -2.87 -14.97
C ALA A 101 -12.49 -3.51 -15.53
N ARG A 102 -12.30 -4.31 -16.57
CA ARG A 102 -13.35 -5.07 -17.22
C ARG A 102 -13.45 -6.43 -16.54
N PRO A 103 -14.63 -6.82 -16.03
CA PRO A 103 -14.66 -7.91 -15.04
C PRO A 103 -14.25 -9.27 -15.59
N ASP A 104 -14.46 -9.51 -16.88
CA ASP A 104 -14.17 -10.79 -17.50
C ASP A 104 -12.95 -10.73 -18.41
N ALA A 105 -12.14 -9.69 -18.31
CA ALA A 105 -10.92 -9.63 -19.09
C ALA A 105 -9.86 -10.53 -18.46
N THR A 106 -8.92 -10.95 -19.29
CA THR A 106 -7.70 -11.58 -18.82
C THR A 106 -6.83 -10.52 -18.15
N LYS A 107 -6.40 -10.82 -16.92
CA LYS A 107 -5.57 -9.90 -16.15
C LYS A 107 -4.09 -10.28 -16.28
N VAL A 108 -3.27 -9.28 -16.59
CA VAL A 108 -1.85 -9.49 -16.85
C VAL A 108 -1.06 -8.42 -16.11
N LEU A 109 0.00 -8.83 -15.47
CA LEU A 109 0.81 -7.93 -14.68
C LEU A 109 2.21 -8.05 -15.25
N ILE A 110 2.82 -6.91 -15.58
CA ILE A 110 4.20 -6.87 -16.05
C ILE A 110 4.99 -6.12 -14.99
N ILE A 111 5.87 -6.84 -14.31
CA ILE A 111 6.68 -6.31 -13.23
C ILE A 111 8.08 -6.04 -13.77
N ILE A 112 8.54 -4.80 -13.68
CA ILE A 112 9.89 -4.42 -14.10
C ILE A 112 10.66 -3.99 -12.85
N THR A 113 11.77 -4.66 -12.57
CA THR A 113 12.53 -4.36 -11.35
C THR A 113 14.03 -4.54 -11.60
N ASP A 114 14.81 -3.82 -10.80
CA ASP A 114 16.27 -3.93 -10.86
C ASP A 114 16.87 -4.37 -9.53
N GLY A 115 16.05 -4.94 -8.66
CA GLY A 115 16.58 -5.45 -7.41
C GLY A 115 15.71 -6.55 -6.83
N GLU A 116 16.32 -7.31 -5.92
CA GLU A 116 15.60 -8.24 -5.07
C GLU A 116 14.63 -7.49 -4.16
N ALA A 117 13.50 -8.14 -3.86
CA ALA A 117 12.51 -7.60 -2.93
C ALA A 117 13.09 -7.36 -1.54
N THR A 118 12.77 -6.21 -0.95
CA THR A 118 13.12 -5.89 0.42
C THR A 118 12.01 -6.22 1.42
N ASP A 119 10.91 -6.86 0.99
CA ASP A 119 9.91 -7.35 1.92
C ASP A 119 9.70 -8.85 1.75
N SER A 120 8.59 -9.33 2.23
CA SER A 120 8.31 -10.76 2.18
C SER A 120 6.82 -10.85 2.47
N GLY A 121 6.28 -12.00 2.24
CA GLY A 121 4.85 -12.16 2.30
C GLY A 121 4.44 -13.29 1.37
N ASN A 122 3.19 -13.24 0.97
CA ASN A 122 2.71 -14.13 -0.06
C ASN A 122 1.85 -13.32 -1.03
N ILE A 123 1.74 -13.82 -2.27
CA ILE A 123 0.93 -13.17 -3.29
C ILE A 123 -0.28 -14.01 -3.72
N ASP A 124 -0.91 -14.72 -2.77
CA ASP A 124 -2.05 -15.54 -3.15
C ASP A 124 -3.20 -14.71 -3.72
N ALA A 125 -3.42 -13.51 -3.18
CA ALA A 125 -4.51 -12.67 -3.68
C ALA A 125 -4.34 -12.31 -5.16
N ALA A 126 -3.15 -12.46 -5.70
CA ALA A 126 -2.87 -12.06 -7.05
C ALA A 126 -2.72 -13.26 -7.98
N LYS A 127 -3.05 -14.48 -7.52
CA LYS A 127 -2.66 -15.67 -8.25
C LYS A 127 -3.43 -15.88 -9.57
N ASP A 128 -4.60 -15.27 -9.72
CA ASP A 128 -5.35 -15.33 -10.99
C ASP A 128 -4.92 -14.26 -11.99
N ILE A 129 -3.88 -13.51 -11.70
CA ILE A 129 -3.27 -12.61 -12.65
C ILE A 129 -2.11 -13.31 -13.34
N ILE A 130 -2.04 -13.22 -14.67
CA ILE A 130 -0.87 -13.68 -15.38
C ILE A 130 0.29 -12.73 -15.10
N ARG A 131 1.40 -13.27 -14.58
CA ARG A 131 2.51 -12.46 -14.08
C ARG A 131 3.82 -12.73 -14.83
N TYR A 132 4.30 -11.69 -15.52
CA TYR A 132 5.64 -11.63 -16.08
C TYR A 132 6.50 -10.76 -15.19
N ILE A 133 7.75 -11.18 -14.98
CA ILE A 133 8.71 -10.35 -14.29
C ILE A 133 9.95 -10.17 -15.15
N ILE A 134 10.39 -8.92 -15.26
CA ILE A 134 11.53 -8.53 -16.05
C ILE A 134 12.53 -8.01 -15.05
N GLY A 135 13.66 -8.71 -14.92
CA GLY A 135 14.66 -8.36 -13.94
C GLY A 135 15.91 -7.87 -14.70
N ILE A 136 16.35 -6.67 -14.33
CA ILE A 136 17.30 -5.93 -15.14
C ILE A 136 18.54 -5.64 -14.32
N GLY A 137 19.71 -5.94 -14.89
CA GLY A 137 20.93 -5.32 -14.47
C GLY A 137 21.75 -6.14 -13.49
N LYS A 138 22.69 -5.45 -12.87
CA LYS A 138 23.79 -6.11 -12.18
C LYS A 138 23.32 -6.91 -10.97
N HIS A 139 22.29 -6.43 -10.26
CA HIS A 139 21.80 -7.17 -9.09
C HIS A 139 21.26 -8.55 -9.44
N PHE A 140 21.12 -8.89 -10.73
CA PHE A 140 20.69 -10.22 -11.14
C PHE A 140 21.80 -10.94 -11.93
N GLN A 141 23.06 -10.60 -11.61
CA GLN A 141 24.19 -11.25 -12.25
C GLN A 141 24.29 -12.73 -11.85
N THR A 142 23.99 -13.06 -10.59
CA THR A 142 24.14 -14.42 -10.11
C THR A 142 22.87 -15.26 -10.35
N LYS A 143 23.06 -16.59 -10.37
CA LYS A 143 21.92 -17.48 -10.58
C LYS A 143 20.98 -17.48 -9.41
N GLU A 144 21.50 -17.41 -8.18
CA GLU A 144 20.64 -17.44 -7.00
C GLU A 144 19.72 -16.22 -6.95
N SER A 145 20.22 -15.06 -7.38
CA SER A 145 19.38 -13.86 -7.35
C SER A 145 18.33 -13.92 -8.46
N GLN A 146 18.68 -14.47 -9.64
CA GLN A 146 17.67 -14.66 -10.69
C GLN A 146 16.53 -15.53 -10.20
N GLU A 147 16.82 -16.50 -9.35
CA GLU A 147 15.79 -17.44 -8.92
C GLU A 147 14.84 -16.84 -7.90
N THR A 148 15.27 -15.80 -7.17
CA THR A 148 14.35 -15.14 -6.24
C THR A 148 13.13 -14.58 -6.96
N LEU A 149 13.24 -14.38 -8.27
CA LEU A 149 12.15 -13.79 -9.03
C LEU A 149 11.10 -14.81 -9.44
N HIS A 150 11.44 -16.10 -9.38
CA HIS A 150 10.49 -17.11 -9.78
C HIS A 150 9.21 -17.02 -8.95
N LYS A 151 9.36 -16.75 -7.63
CA LYS A 151 8.23 -16.66 -6.70
C LYS A 151 7.14 -15.72 -7.17
N PHE A 152 7.49 -14.68 -7.91
CA PHE A 152 6.52 -13.67 -8.29
C PHE A 152 5.78 -14.03 -9.55
N ALA A 153 6.38 -14.87 -10.39
CA ALA A 153 5.94 -15.04 -11.76
C ALA A 153 5.02 -16.25 -11.88
N SER A 154 4.19 -16.24 -12.93
CA SER A 154 3.43 -17.42 -13.26
C SER A 154 4.39 -18.52 -13.70
N LYS A 155 3.87 -19.74 -13.83
CA LYS A 155 4.73 -20.84 -14.22
C LYS A 155 4.42 -21.29 -15.66
N PRO A 156 5.42 -21.81 -16.39
CA PRO A 156 6.79 -22.03 -15.92
C PRO A 156 7.65 -20.74 -15.86
N ALA A 157 8.69 -20.69 -15.03
CA ALA A 157 9.57 -19.53 -15.03
C ALA A 157 10.23 -19.28 -16.38
N SER A 158 10.34 -20.31 -17.23
CA SER A 158 11.07 -20.16 -18.49
C SER A 158 10.35 -19.22 -19.44
N GLU A 159 9.02 -19.16 -19.37
CA GLU A 159 8.22 -18.22 -20.16
C GLU A 159 8.07 -16.89 -19.46
N PHE A 160 7.89 -16.88 -18.13
CA PHE A 160 7.43 -15.67 -17.44
C PHE A 160 8.54 -14.86 -16.77
N VAL A 161 9.75 -15.37 -16.66
CA VAL A 161 10.84 -14.60 -16.05
C VAL A 161 11.84 -14.24 -17.16
N LYS A 162 12.05 -12.94 -17.35
CA LYS A 162 12.97 -12.40 -18.34
C LYS A 162 14.08 -11.70 -17.56
N ILE A 163 15.35 -12.09 -17.83
CA ILE A 163 16.52 -11.46 -17.21
C ILE A 163 17.29 -10.71 -18.30
N LEU A 164 17.54 -9.44 -18.04
CA LEU A 164 18.21 -8.54 -18.97
C LEU A 164 19.43 -7.97 -18.27
N ASP A 165 20.61 -8.15 -18.88
CA ASP A 165 21.82 -7.69 -18.21
C ASP A 165 21.96 -6.17 -18.23
N THR A 166 21.32 -5.47 -19.17
CA THR A 166 21.38 -4.01 -19.20
C THR A 166 20.02 -3.44 -19.58
N PHE A 167 19.84 -2.16 -19.29
CA PHE A 167 18.60 -1.48 -19.59
C PHE A 167 18.40 -1.25 -21.07
N GLU A 168 19.49 -1.22 -21.84
CA GLU A 168 19.38 -1.10 -23.27
C GLU A 168 18.73 -2.31 -23.90
N LYS A 169 18.80 -3.46 -23.23
CA LYS A 169 18.17 -4.67 -23.74
C LYS A 169 16.64 -4.60 -23.70
N LEU A 170 16.06 -3.62 -23.01
CA LEU A 170 14.61 -3.41 -23.10
C LEU A 170 14.19 -3.18 -24.54
N LYS A 171 15.05 -2.52 -25.32
CA LYS A 171 14.76 -2.33 -26.73
C LYS A 171 14.73 -3.66 -27.49
N ASP A 172 15.66 -4.56 -27.18
CA ASP A 172 15.61 -5.88 -27.80
C ASP A 172 14.35 -6.63 -27.41
N LEU A 173 13.96 -6.49 -26.15
CA LEU A 173 12.72 -7.10 -25.72
C LEU A 173 11.53 -6.56 -26.51
N PHE A 174 11.52 -5.27 -26.84
CA PHE A 174 10.41 -4.71 -27.60
C PHE A 174 10.43 -5.19 -29.06
N THR A 175 11.64 -5.39 -29.61
CA THR A 175 11.77 -6.00 -30.93
C THR A 175 11.16 -7.40 -30.96
N GLU A 176 11.51 -8.25 -29.99
N GLU A 176 11.50 -8.23 -29.98
CA GLU A 176 10.94 -9.60 -29.98
CA GLU A 176 10.90 -9.57 -29.88
C GLU A 176 9.42 -9.58 -29.81
C GLU A 176 9.38 -9.51 -29.65
N LEU A 177 8.90 -8.67 -28.99
N LEU A 177 8.89 -8.53 -28.90
CA LEU A 177 7.46 -8.70 -28.78
CA LEU A 177 7.45 -8.47 -28.68
C LEU A 177 6.71 -8.27 -30.02
C LEU A 177 6.72 -8.24 -29.99
N GLN A 178 7.27 -7.36 -30.81
CA GLN A 178 6.61 -6.98 -32.05
C GLN A 178 6.57 -8.11 -33.06
N LYS A 179 7.60 -8.98 -33.07
CA LYS A 179 7.55 -10.15 -33.95
C LYS A 179 6.44 -11.09 -33.56
N LYS A 180 5.79 -10.87 -32.42
CA LYS A 180 4.72 -11.76 -31.99
C LYS A 180 3.34 -11.11 -32.07
N ILE A 181 3.23 -9.97 -32.75
CA ILE A 181 1.94 -9.32 -32.95
C ILE A 181 1.27 -9.90 -34.19
N TYR A 182 0.05 -10.40 -34.02
CA TYR A 182 -0.76 -10.91 -35.14
C TYR A 182 -2.16 -10.33 -35.08
N VAL A 183 -2.81 -10.23 -36.24
CA VAL A 183 -4.25 -10.01 -36.33
C VAL A 183 -4.93 -11.38 -36.29
N ILE A 184 -5.80 -11.58 -35.31
CA ILE A 184 -6.48 -12.85 -35.12
C ILE A 184 -7.99 -12.62 -35.23
N GLY B 1 4.25 -10.78 25.86
CA GLY B 1 5.31 -10.57 24.89
C GLY B 1 6.54 -9.89 25.49
N SER B 2 6.90 -10.33 26.69
CA SER B 2 7.87 -9.64 27.54
C SER B 2 7.30 -8.36 28.11
N GLY B 3 5.99 -8.14 27.94
CA GLY B 3 5.37 -6.89 28.30
C GLY B 3 5.57 -5.77 27.29
N ASN B 4 6.16 -6.06 26.15
CA ASN B 4 6.39 -5.03 25.16
C ASN B 4 5.16 -4.94 24.26
N VAL B 5 4.76 -3.71 23.93
CA VAL B 5 3.64 -3.47 23.03
C VAL B 5 4.18 -2.59 21.93
N ASP B 6 4.04 -3.07 20.69
CA ASP B 6 4.31 -2.32 19.46
C ASP B 6 2.96 -1.88 18.92
N LEU B 7 2.75 -0.56 18.88
CA LEU B 7 1.46 0.04 18.57
C LEU B 7 1.58 0.93 17.34
N VAL B 8 0.68 0.71 16.39
CA VAL B 8 0.62 1.49 15.16
C VAL B 8 -0.69 2.27 15.09
N PHE B 9 -0.59 3.58 14.80
CA PHE B 9 -1.74 4.42 14.48
C PHE B 9 -1.91 4.40 12.96
N LEU B 10 -3.09 4.02 12.49
CA LEU B 10 -3.38 4.00 11.05
C LEU B 10 -4.53 4.96 10.84
N PHE B 11 -4.28 6.11 10.21
CA PHE B 11 -5.28 7.17 10.13
C PHE B 11 -5.52 7.69 8.72
N ASP B 12 -6.80 7.97 8.44
N ASP B 12 -6.78 8.05 8.45
CA ASP B 12 -7.21 8.72 7.27
CA ASP B 12 -7.19 8.70 7.20
C ASP B 12 -8.05 9.90 7.75
C ASP B 12 -8.16 9.82 7.52
N GLY B 13 -7.80 11.06 7.17
CA GLY B 13 -8.73 12.18 7.32
C GLY B 13 -9.09 12.83 5.98
N SER B 14 -9.25 12.02 4.93
CA SER B 14 -9.39 12.49 3.54
C SER B 14 -10.74 13.11 3.22
N MET B 15 -11.73 12.98 4.10
N MET B 15 -11.74 12.96 4.09
CA MET B 15 -13.01 13.62 3.89
CA MET B 15 -13.03 13.61 3.88
C MET B 15 -13.01 15.08 4.27
C MET B 15 -13.01 15.08 4.27
N SER B 16 -12.05 15.51 5.11
CA SER B 16 -12.02 16.86 5.68
C SER B 16 -13.45 17.35 5.89
N LEU B 17 -14.19 16.62 6.71
CA LEU B 17 -15.53 17.05 7.10
C LEU B 17 -15.48 18.43 7.74
N GLN B 18 -14.40 18.75 8.45
CA GLN B 18 -14.16 20.08 8.98
C GLN B 18 -12.72 20.48 8.72
N PRO B 19 -12.43 21.79 8.75
CA PRO B 19 -11.08 22.25 8.37
C PRO B 19 -9.99 21.73 9.29
N ASP B 20 -10.27 21.65 10.60
CA ASP B 20 -9.35 21.19 11.62
C ASP B 20 -9.55 19.73 12.00
N GLU B 21 -10.21 18.94 11.15
CA GLU B 21 -10.34 17.51 11.40
C GLU B 21 -8.96 16.88 11.57
N PHE B 22 -8.07 17.16 10.64
CA PHE B 22 -6.78 16.49 10.62
C PHE B 22 -6.00 16.77 11.89
N GLN B 23 -6.01 18.02 12.34
CA GLN B 23 -5.24 18.42 13.51
C GLN B 23 -5.71 17.73 14.77
N LYS B 24 -7.03 17.54 14.91
CA LYS B 24 -7.55 16.87 16.10
C LYS B 24 -7.10 15.42 16.12
N ILE B 25 -7.08 14.77 14.97
CA ILE B 25 -6.55 13.40 14.87
C ILE B 25 -5.09 13.38 15.30
N LEU B 26 -4.29 14.31 14.76
CA LEU B 26 -2.88 14.37 15.13
C LEU B 26 -2.73 14.66 16.62
N ASP B 27 -3.48 15.63 17.13
CA ASP B 27 -3.42 15.98 18.55
C ASP B 27 -3.70 14.77 19.43
N PHE B 28 -4.70 13.98 19.05
CA PHE B 28 -5.05 12.78 19.81
C PHE B 28 -3.89 11.79 19.85
N MET B 29 -3.23 11.55 18.70
N MET B 29 -3.23 11.56 18.70
CA MET B 29 -2.10 10.62 18.68
CA MET B 29 -2.11 10.63 18.68
C MET B 29 -0.94 11.12 19.54
C MET B 29 -0.95 11.13 19.54
N LYS B 30 -0.71 12.43 19.52
CA LYS B 30 0.35 13.01 20.35
C LYS B 30 0.03 12.90 21.84
N ASP B 31 -1.21 13.21 22.23
CA ASP B 31 -1.62 13.06 23.62
C ASP B 31 -1.35 11.65 24.12
N VAL B 32 -1.77 10.66 23.34
CA VAL B 32 -1.57 9.26 23.75
C VAL B 32 -0.09 8.97 23.89
N MET B 33 0.71 9.43 22.91
CA MET B 33 2.13 9.10 22.96
C MET B 33 2.82 9.80 24.14
N LYS B 34 2.42 11.04 24.43
CA LYS B 34 2.99 11.78 25.54
C LYS B 34 2.68 11.09 26.85
N LYS B 35 1.43 10.68 27.04
CA LYS B 35 1.08 10.05 28.30
C LYS B 35 1.83 8.75 28.50
N LEU B 36 2.16 8.06 27.41
CA LEU B 36 2.85 6.77 27.49
C LEU B 36 4.33 6.89 27.12
N SER B 37 4.89 8.10 27.20
CA SER B 37 6.33 8.23 27.04
C SER B 37 7.07 7.42 28.10
N ASN B 38 8.23 6.87 27.71
CA ASN B 38 9.14 6.17 28.61
C ASN B 38 8.56 4.87 29.16
N THR B 39 7.57 4.30 28.50
CA THR B 39 7.02 3.03 28.93
C THR B 39 7.58 1.91 28.03
N SER B 40 6.98 0.74 28.12
N SER B 40 6.96 0.75 28.10
CA SER B 40 7.32 -0.36 27.22
CA SER B 40 7.28 -0.37 27.25
C SER B 40 6.68 -0.21 25.84
C SER B 40 6.49 -0.34 25.93
N TYR B 41 5.77 0.76 25.68
CA TYR B 41 5.11 0.96 24.39
C TYR B 41 6.08 1.60 23.42
N GLN B 42 6.05 1.12 22.18
CA GLN B 42 6.69 1.79 21.07
C GLN B 42 5.65 2.06 19.99
N PHE B 43 5.86 3.14 19.26
CA PHE B 43 4.85 3.67 18.36
C PHE B 43 5.34 3.82 16.93
N ALA B 44 4.42 3.61 16.00
CA ALA B 44 4.59 3.97 14.59
C ALA B 44 3.28 4.59 14.12
N ALA B 45 3.35 5.35 13.03
CA ALA B 45 2.18 5.97 12.46
C ALA B 45 2.17 5.90 10.92
N VAL B 46 1.02 5.55 10.38
CA VAL B 46 0.79 5.39 8.95
C VAL B 46 -0.46 6.16 8.56
N GLN B 47 -0.33 7.01 7.56
CA GLN B 47 -1.49 7.66 6.96
C GLN B 47 -1.94 6.85 5.74
N PHE B 48 -3.25 6.74 5.56
CA PHE B 48 -3.73 6.10 4.37
C PHE B 48 -4.85 6.89 3.73
N SER B 49 -4.92 6.77 2.41
CA SER B 49 -6.05 7.29 1.67
C SER B 49 -6.28 6.36 0.47
N THR B 50 -5.79 6.71 -0.71
CA THR B 50 -5.77 5.73 -1.80
C THR B 50 -4.59 4.81 -1.62
N SER B 51 -3.44 5.37 -1.30
CA SER B 51 -2.29 4.57 -0.97
C SER B 51 -1.88 4.86 0.47
N TYR B 52 -0.67 4.49 0.83
CA TYR B 52 -0.22 4.42 2.22
C TYR B 52 1.13 5.09 2.37
N LYS B 53 1.31 5.82 3.47
CA LYS B 53 2.61 6.40 3.78
C LYS B 53 2.92 6.18 5.25
N THR B 54 4.08 5.60 5.52
CA THR B 54 4.60 5.54 6.89
C THR B 54 5.15 6.91 7.25
N GLU B 55 4.52 7.54 8.22
CA GLU B 55 4.95 8.88 8.63
C GLU B 55 6.13 8.80 9.59
N PHE B 56 6.14 7.83 10.51
CA PHE B 56 7.36 7.45 11.22
C PHE B 56 7.26 5.98 11.61
N ASP B 57 8.42 5.32 11.61
N ASP B 57 8.40 5.30 11.63
CA ASP B 57 8.58 3.91 11.98
CA ASP B 57 8.43 3.92 12.04
C ASP B 57 8.96 3.82 13.47
C ASP B 57 8.98 3.81 13.46
N PHE B 58 8.94 2.59 13.98
CA PHE B 58 9.33 2.38 15.37
C PHE B 58 10.76 2.87 15.62
N SER B 59 11.67 2.63 14.68
CA SER B 59 13.05 3.08 14.86
C SER B 59 13.13 4.61 14.93
N ASP B 60 12.29 5.32 14.14
CA ASP B 60 12.24 6.76 14.25
C ASP B 60 11.78 7.18 15.65
N TYR B 61 10.77 6.49 16.19
CA TYR B 61 10.27 6.87 17.50
C TYR B 61 11.32 6.66 18.60
N VAL B 62 11.99 5.50 18.59
CA VAL B 62 13.03 5.25 19.61
C VAL B 62 14.13 6.33 19.55
N LYS B 63 14.49 6.77 18.34
CA LYS B 63 15.62 7.68 18.19
C LYS B 63 15.28 9.12 18.53
N ARG B 64 14.06 9.58 18.21
CA ARG B 64 13.68 10.97 18.41
C ARG B 64 12.75 11.20 19.60
N LYS B 65 11.85 10.26 19.90
CA LYS B 65 10.96 10.29 21.07
C LYS B 65 9.93 11.42 21.09
N ASP B 66 10.15 12.52 20.38
CA ASP B 66 9.33 13.71 20.55
C ASP B 66 8.11 13.62 19.64
N PRO B 67 6.90 13.39 20.18
CA PRO B 67 5.73 13.26 19.31
C PRO B 67 5.53 14.46 18.40
N ASP B 68 5.84 15.67 18.88
CA ASP B 68 5.66 16.86 18.06
C ASP B 68 6.63 16.88 16.88
N ALA B 69 7.90 16.54 17.12
CA ALA B 69 8.87 16.46 16.05
C ALA B 69 8.48 15.38 15.05
N LEU B 70 8.04 14.23 15.56
CA LEU B 70 7.85 13.09 14.67
C LEU B 70 6.70 13.31 13.70
N LEU B 71 5.70 14.12 14.08
CA LEU B 71 4.54 14.40 13.25
C LEU B 71 4.58 15.82 12.67
N LYS B 72 5.76 16.44 12.66
CA LYS B 72 5.91 17.82 12.18
C LYS B 72 5.47 17.94 10.73
N HIS B 73 5.83 16.97 9.90
CA HIS B 73 5.85 17.12 8.45
C HIS B 73 4.79 16.27 7.78
N VAL B 74 3.61 16.17 8.37
CA VAL B 74 2.57 15.29 7.88
C VAL B 74 1.71 16.03 6.87
N LYS B 75 1.66 15.51 5.66
CA LYS B 75 0.82 16.09 4.63
C LYS B 75 -0.55 15.43 4.63
N HIS B 76 -1.58 16.26 4.50
CA HIS B 76 -2.97 15.80 4.49
C HIS B 76 -3.25 15.12 3.16
N MET B 77 -3.47 13.80 3.18
N MET B 77 -3.50 13.81 3.18
CA MET B 77 -3.94 13.07 2.02
CA MET B 77 -3.92 13.05 2.01
C MET B 77 -5.44 13.26 1.88
C MET B 77 -5.42 13.17 1.86
N LEU B 78 -5.88 13.45 0.63
CA LEU B 78 -7.23 13.90 0.38
C LEU B 78 -7.87 13.08 -0.73
N LEU B 79 -7.61 11.79 -0.79
CA LEU B 79 -8.19 10.92 -1.82
C LEU B 79 -9.15 9.94 -1.13
N LEU B 80 -9.01 8.64 -1.35
CA LEU B 80 -10.02 7.65 -0.98
C LEU B 80 -9.80 7.16 0.45
N THR B 81 -10.39 5.98 0.76
CA THR B 81 -10.39 5.35 2.08
C THR B 81 -10.18 3.84 1.91
N ASN B 82 -8.99 3.45 1.45
CA ASN B 82 -8.72 2.05 1.12
C ASN B 82 -8.24 1.29 2.35
N THR B 83 -9.19 1.06 3.25
CA THR B 83 -8.88 0.55 4.58
C THR B 83 -8.39 -0.89 4.54
N PHE B 84 -8.93 -1.73 3.63
CA PHE B 84 -8.43 -3.11 3.59
C PHE B 84 -6.96 -3.16 3.21
N GLY B 85 -6.59 -2.43 2.14
CA GLY B 85 -5.21 -2.45 1.69
C GLY B 85 -4.26 -1.82 2.70
N ALA B 86 -4.73 -0.81 3.41
CA ALA B 86 -3.91 -0.15 4.42
C ALA B 86 -3.62 -1.10 5.58
N ILE B 87 -4.61 -1.89 6.00
CA ILE B 87 -4.36 -2.84 7.09
C ILE B 87 -3.36 -3.88 6.65
N ASN B 88 -3.48 -4.38 5.42
CA ASN B 88 -2.53 -5.38 4.94
C ASN B 88 -1.14 -4.77 4.83
N TYR B 89 -1.07 -3.50 4.41
N TYR B 89 -1.04 -3.51 4.41
CA TYR B 89 0.21 -2.80 4.35
CA TYR B 89 0.29 -2.90 4.30
C TYR B 89 0.85 -2.69 5.73
C TYR B 89 0.94 -2.81 5.68
N VAL B 90 0.07 -2.36 6.76
N VAL B 90 0.18 -2.43 6.71
CA VAL B 90 0.65 -2.29 8.11
CA VAL B 90 0.80 -2.29 8.03
C VAL B 90 1.22 -3.65 8.49
C VAL B 90 1.23 -3.65 8.57
N ALA B 91 0.43 -4.70 8.32
CA ALA B 91 0.83 -6.03 8.79
C ALA B 91 2.10 -6.52 8.14
N THR B 92 2.30 -6.25 6.84
CA THR B 92 3.42 -6.82 6.09
C THR B 92 4.59 -5.86 5.90
N GLU B 93 4.37 -4.57 6.01
CA GLU B 93 5.42 -3.61 5.71
C GLU B 93 5.86 -2.75 6.87
N VAL B 94 5.10 -2.72 7.97
CA VAL B 94 5.41 -1.84 9.10
C VAL B 94 5.86 -2.65 10.31
N PHE B 95 5.15 -3.73 10.60
N PHE B 95 5.16 -3.75 10.61
CA PHE B 95 5.54 -4.66 11.66
CA PHE B 95 5.55 -4.66 11.67
C PHE B 95 6.69 -5.55 11.17
C PHE B 95 6.70 -5.56 11.18
N ARG B 96 7.86 -4.93 11.01
CA ARG B 96 9.08 -5.63 10.60
C ARG B 96 10.24 -5.25 11.50
N GLU B 97 11.11 -6.23 11.83
N GLU B 97 11.05 -6.25 11.89
CA GLU B 97 12.31 -5.92 12.60
CA GLU B 97 12.14 -5.98 12.83
C GLU B 97 13.15 -4.86 11.92
C GLU B 97 13.11 -4.96 12.25
N GLU B 98 13.27 -4.94 10.60
N GLU B 98 13.33 -5.00 10.93
CA GLU B 98 14.08 -3.99 9.86
CA GLU B 98 14.22 -4.05 10.30
C GLU B 98 13.69 -2.56 10.19
C GLU B 98 13.69 -2.62 10.35
N LEU B 99 12.42 -2.33 10.53
N LEU B 99 12.39 -2.42 10.59
CA LEU B 99 11.94 -0.98 10.81
CA LEU B 99 11.84 -1.09 10.81
C LEU B 99 11.74 -0.74 12.30
C LEU B 99 11.75 -0.75 12.30
N GLY B 100 12.26 -1.61 13.17
CA GLY B 100 12.26 -1.36 14.61
C GLY B 100 11.29 -2.18 15.40
N ALA B 101 10.42 -2.94 14.73
CA ALA B 101 9.47 -3.77 15.46
C ALA B 101 10.22 -4.77 16.31
N ARG B 102 9.69 -5.03 17.50
CA ARG B 102 10.26 -6.03 18.38
C ARG B 102 9.59 -7.37 18.13
N PRO B 103 10.33 -8.42 17.79
N PRO B 103 10.30 -8.42 17.73
CA PRO B 103 9.67 -9.67 17.36
CA PRO B 103 9.63 -9.66 17.34
C PRO B 103 8.77 -10.26 18.43
C PRO B 103 8.75 -10.26 18.44
N ASP B 104 9.16 -10.11 19.70
CA ASP B 104 8.42 -10.64 20.84
C ASP B 104 7.14 -9.88 21.18
N ALA B 105 6.98 -8.65 20.67
CA ALA B 105 6.01 -7.73 21.25
C ALA B 105 4.58 -8.11 20.87
N THR B 106 3.65 -7.71 21.73
CA THR B 106 2.25 -7.70 21.37
C THR B 106 2.03 -6.60 20.36
N LYS B 107 1.36 -6.93 19.26
CA LYS B 107 1.12 -5.97 18.19
C LYS B 107 -0.28 -5.40 18.28
N VAL B 108 -0.39 -4.09 18.18
CA VAL B 108 -1.65 -3.38 18.38
C VAL B 108 -1.80 -2.35 17.29
N LEU B 109 -2.98 -2.31 16.68
CA LEU B 109 -3.33 -1.38 15.63
C LEU B 109 -4.52 -0.55 16.07
N ILE B 110 -4.38 0.77 16.01
N ILE B 110 -4.38 0.77 16.02
CA ILE B 110 -5.48 1.69 16.27
CA ILE B 110 -5.46 1.71 16.25
C ILE B 110 -5.79 2.38 14.94
C ILE B 110 -5.79 2.37 14.92
N ILE B 111 -6.98 2.12 14.41
CA ILE B 111 -7.39 2.64 13.12
C ILE B 111 -8.36 3.80 13.36
N ILE B 112 -8.03 4.96 12.81
CA ILE B 112 -8.87 6.15 12.91
C ILE B 112 -9.30 6.51 11.48
N THR B 113 -10.61 6.54 11.25
CA THR B 113 -11.18 6.77 9.91
C THR B 113 -12.47 7.59 10.02
N ASP B 114 -12.72 8.37 8.96
CA ASP B 114 -13.93 9.20 8.85
C ASP B 114 -14.89 8.70 7.77
N GLY B 115 -14.63 7.52 7.16
CA GLY B 115 -15.50 7.03 6.11
C GLY B 115 -15.58 5.51 6.06
N GLU B 116 -16.57 5.02 5.31
CA GLU B 116 -16.61 3.59 5.03
C GLU B 116 -15.51 3.26 4.02
N ALA B 117 -15.05 2.01 4.04
CA ALA B 117 -13.93 1.62 3.19
C ALA B 117 -14.35 1.72 1.73
N THR B 118 -13.41 2.18 0.89
CA THR B 118 -13.65 2.28 -0.55
C THR B 118 -13.08 1.08 -1.29
N ASP B 119 -12.46 0.13 -0.59
CA ASP B 119 -11.96 -1.07 -1.23
C ASP B 119 -12.57 -2.31 -0.59
N SER B 120 -11.97 -3.47 -0.83
CA SER B 120 -12.48 -4.70 -0.25
C SER B 120 -11.35 -5.71 -0.27
N GLY B 121 -11.62 -6.90 0.26
CA GLY B 121 -10.60 -7.93 0.34
C GLY B 121 -10.71 -8.68 1.64
N ASN B 122 -9.57 -9.10 2.18
CA ASN B 122 -9.54 -9.75 3.48
C ASN B 122 -8.24 -9.34 4.18
N ILE B 123 -8.31 -9.34 5.51
CA ILE B 123 -7.21 -8.94 6.37
C ILE B 123 -6.66 -10.12 7.18
N ASP B 124 -6.74 -11.34 6.63
CA ASP B 124 -6.13 -12.50 7.29
C ASP B 124 -4.66 -12.25 7.68
N ALA B 125 -3.86 -11.71 6.77
CA ALA B 125 -2.46 -11.40 7.08
C ALA B 125 -2.28 -10.57 8.35
N ALA B 126 -3.34 -9.95 8.85
CA ALA B 126 -3.25 -9.06 9.98
C ALA B 126 -3.92 -9.63 11.22
N LYS B 127 -4.39 -10.89 11.14
N LYS B 127 -4.46 -10.84 11.18
CA LYS B 127 -5.29 -11.42 12.14
CA LYS B 127 -5.37 -11.15 12.27
C LYS B 127 -4.66 -11.44 13.53
C LYS B 127 -4.67 -11.61 13.54
N ASP B 128 -3.34 -11.60 13.62
CA ASP B 128 -2.65 -11.70 14.91
C ASP B 128 -2.36 -10.33 15.53
N ILE B 129 -2.75 -9.27 14.89
CA ILE B 129 -2.65 -7.94 15.47
C ILE B 129 -3.96 -7.65 16.20
N ILE B 130 -3.87 -7.10 17.39
CA ILE B 130 -5.06 -6.68 18.12
C ILE B 130 -5.53 -5.37 17.49
N ARG B 131 -6.79 -5.32 17.05
CA ARG B 131 -7.25 -4.24 16.17
C ARG B 131 -8.41 -3.47 16.80
N TYR B 132 -8.18 -2.20 17.02
CA TYR B 132 -9.17 -1.25 17.48
C TYR B 132 -9.53 -0.32 16.34
N ILE B 133 -10.82 0.00 16.21
CA ILE B 133 -11.24 0.96 15.19
C ILE B 133 -12.09 2.05 15.81
N ILE B 134 -11.76 3.30 15.46
CA ILE B 134 -12.47 4.50 15.86
C ILE B 134 -13.04 5.13 14.59
N GLY B 135 -14.36 5.11 14.43
CA GLY B 135 -15.05 5.83 13.36
C GLY B 135 -15.67 7.12 13.84
N ILE B 136 -15.33 8.21 13.16
CA ILE B 136 -15.71 9.55 13.57
C ILE B 136 -16.60 10.18 12.51
N GLY B 137 -17.67 10.84 12.94
CA GLY B 137 -18.34 11.79 12.06
C GLY B 137 -19.61 11.28 11.42
N LYS B 138 -20.13 12.08 10.50
N LYS B 138 -20.12 12.08 10.49
CA LYS B 138 -21.49 11.88 10.01
CA LYS B 138 -21.49 11.90 10.01
C LYS B 138 -21.66 10.60 9.22
C LYS B 138 -21.66 10.60 9.24
N HIS B 139 -20.59 10.06 8.65
CA HIS B 139 -20.74 8.85 7.87
C HIS B 139 -21.08 7.64 8.74
N PHE B 140 -20.97 7.75 10.05
CA PHE B 140 -21.21 6.62 10.95
C PHE B 140 -22.45 6.87 11.81
N GLN B 141 -23.47 7.46 11.17
CA GLN B 141 -24.70 7.89 11.84
C GLN B 141 -25.72 6.77 11.94
N THR B 142 -25.78 5.89 10.95
CA THR B 142 -26.72 4.76 10.96
C THR B 142 -26.10 3.54 11.63
N LYS B 143 -26.95 2.64 12.12
CA LYS B 143 -26.40 1.41 12.66
C LYS B 143 -25.70 0.58 11.59
N GLU B 144 -26.21 0.62 10.36
CA GLU B 144 -25.64 -0.17 9.26
C GLU B 144 -24.23 0.28 8.94
N SER B 145 -24.00 1.59 8.89
N SER B 145 -24.01 1.59 8.88
CA SER B 145 -22.66 2.08 8.61
CA SER B 145 -22.67 2.11 8.63
C SER B 145 -21.69 1.73 9.74
C SER B 145 -21.72 1.66 9.72
N GLN B 146 -22.18 1.67 10.98
CA GLN B 146 -21.32 1.27 12.09
C GLN B 146 -20.95 -0.20 12.01
N GLU B 147 -21.86 -1.06 11.53
N GLU B 147 -21.86 -1.05 11.53
CA GLU B 147 -21.55 -2.48 11.52
CA GLU B 147 -21.59 -2.48 11.49
C GLU B 147 -20.50 -2.84 10.47
C GLU B 147 -20.49 -2.83 10.49
N THR B 148 -20.32 -2.02 9.43
CA THR B 148 -19.32 -2.35 8.44
C THR B 148 -17.91 -2.28 9.05
N LEU B 149 -17.75 -1.59 10.17
CA LEU B 149 -16.45 -1.47 10.82
C LEU B 149 -16.09 -2.73 11.61
N HIS B 150 -17.07 -3.58 11.90
CA HIS B 150 -16.81 -4.77 12.69
C HIS B 150 -15.82 -5.72 12.01
N LYS B 151 -15.78 -5.75 10.67
CA LYS B 151 -14.92 -6.73 10.02
C LYS B 151 -13.43 -6.39 10.16
N PHE B 152 -13.07 -5.15 10.46
CA PHE B 152 -11.66 -4.78 10.66
C PHE B 152 -11.18 -5.02 12.09
N ALA B 153 -12.09 -5.05 13.05
CA ALA B 153 -11.74 -5.05 14.45
C ALA B 153 -11.62 -6.46 15.00
N SER B 154 -10.94 -6.56 16.14
CA SER B 154 -10.90 -7.80 16.87
C SER B 154 -12.26 -8.04 17.55
N LYS B 155 -12.46 -9.23 18.08
CA LYS B 155 -13.71 -9.56 18.72
C LYS B 155 -13.58 -9.61 20.25
N PRO B 156 -14.59 -9.13 20.98
CA PRO B 156 -15.88 -8.65 20.47
C PRO B 156 -15.89 -7.21 19.96
N ALA B 157 -16.81 -6.92 19.05
CA ALA B 157 -16.95 -5.56 18.53
C ALA B 157 -17.30 -4.58 19.63
N SER B 158 -18.02 -5.03 20.67
CA SER B 158 -18.40 -4.13 21.76
C SER B 158 -17.19 -3.51 22.45
N GLU B 159 -16.07 -4.23 22.46
N GLU B 159 -16.07 -4.23 22.50
CA GLU B 159 -14.83 -3.80 23.11
CA GLU B 159 -14.84 -3.70 23.10
C GLU B 159 -13.88 -3.07 22.15
C GLU B 159 -13.98 -2.94 22.09
N PHE B 160 -13.86 -3.45 20.86
CA PHE B 160 -12.85 -2.97 19.94
C PHE B 160 -13.30 -1.91 18.92
N VAL B 161 -14.59 -1.62 18.83
CA VAL B 161 -15.11 -0.63 17.88
C VAL B 161 -15.64 0.56 18.69
N LYS B 162 -15.09 1.75 18.45
CA LYS B 162 -15.54 2.98 19.11
C LYS B 162 -16.13 3.91 18.03
N ILE B 163 -17.34 4.41 18.27
CA ILE B 163 -18.01 5.33 17.34
C ILE B 163 -18.13 6.68 18.03
N LEU B 164 -17.52 7.72 17.43
CA LEU B 164 -17.63 9.09 17.90
C LEU B 164 -18.45 9.91 16.92
N ASP B 165 -19.33 10.75 17.44
CA ASP B 165 -20.14 11.55 16.52
C ASP B 165 -19.40 12.80 16.07
N THR B 166 -18.45 13.31 16.87
CA THR B 166 -17.68 14.48 16.48
C THR B 166 -16.20 14.26 16.77
N PHE B 167 -15.35 15.05 16.09
CA PHE B 167 -13.92 14.95 16.35
C PHE B 167 -13.54 15.51 17.70
N GLU B 168 -14.42 16.32 18.29
CA GLU B 168 -14.16 16.87 19.61
C GLU B 168 -14.15 15.76 20.65
N LYS B 169 -14.94 14.70 20.44
CA LYS B 169 -15.01 13.64 21.43
C LYS B 169 -13.75 12.80 21.48
N LEU B 170 -12.74 13.08 20.66
CA LEU B 170 -11.44 12.44 20.82
C LEU B 170 -10.80 12.81 22.16
N LYS B 171 -10.95 14.07 22.58
CA LYS B 171 -10.52 14.47 23.94
C LYS B 171 -11.18 13.60 25.01
N ASP B 172 -12.49 13.36 24.87
CA ASP B 172 -13.21 12.52 25.82
C ASP B 172 -12.69 11.09 25.81
N LEU B 173 -12.34 10.59 24.63
CA LEU B 173 -11.79 9.24 24.56
C LEU B 173 -10.45 9.17 25.28
N PHE B 174 -9.70 10.26 25.24
CA PHE B 174 -8.40 10.30 25.89
C PHE B 174 -8.58 10.39 27.41
N THR B 175 -9.52 11.21 27.88
CA THR B 175 -9.81 11.23 29.30
C THR B 175 -10.22 9.83 29.78
N GLU B 176 -10.97 9.10 28.96
CA GLU B 176 -11.35 7.75 29.34
C GLU B 176 -10.15 6.80 29.33
N LEU B 177 -9.26 6.95 28.34
N LEU B 177 -9.27 6.94 28.33
CA LEU B 177 -8.07 6.11 28.31
CA LEU B 177 -8.05 6.15 28.30
C LEU B 177 -7.22 6.30 29.58
C LEU B 177 -7.26 6.30 29.58
N GLN B 178 -7.03 7.54 30.01
CA GLN B 178 -6.19 7.78 31.19
C GLN B 178 -6.73 7.07 32.44
N LYS B 179 -8.05 6.87 32.55
CA LYS B 179 -8.58 6.20 33.74
C LYS B 179 -8.21 4.72 33.78
N LYS B 180 -7.76 4.16 32.67
CA LYS B 180 -7.37 2.75 32.61
C LYS B 180 -5.85 2.56 32.67
N ILE B 181 -5.11 3.58 33.07
CA ILE B 181 -3.66 3.44 33.16
C ILE B 181 -3.30 2.91 34.55
N TYR B 182 -2.59 1.79 34.61
CA TYR B 182 -2.13 1.22 35.88
C TYR B 182 -0.67 0.85 35.82
N VAL B 183 -0.01 0.85 36.99
CA VAL B 183 1.31 0.25 37.19
C VAL B 183 1.09 -1.22 37.57
N ILE B 184 1.57 -2.14 36.75
CA ILE B 184 1.29 -3.57 36.99
C ILE B 184 2.52 -4.37 37.42
#